data_3D2H
#
_entry.id   3D2H
#
_cell.length_a   99.913
_cell.length_b   94.842
_cell.length_c   63.977
_cell.angle_alpha   90.00
_cell.angle_beta   100.31
_cell.angle_gamma   90.00
#
_symmetry.space_group_name_H-M   'C 1 2 1'
#
loop_
_entity.id
_entity.type
_entity.pdbx_description
1 polymer 'berberine bridge-forming enzyme'
2 branched alpha-D-mannopyranose-(1-2)-alpha-D-mannopyranose-(1-2)-alpha-D-mannopyranose-(1-3)-alpha-D-mannopyranose-(1-4)-2-acetamido-2-deoxy-beta-D-glucopyranose-(1-4)-2-acetamido-2-deoxy-beta-D-glucopyranose
3 non-polymer 2-acetamido-2-deoxy-beta-D-glucopyranose
4 non-polymer 'FLAVIN-ADENINE DINUCLEOTIDE'
5 non-polymer "(2R,3S,4S)-5-[(4R)-6',7'-dimethyl-2,3',5-trioxo-1'H-spiro[imidazolidine-4,2'-quinoxalin]-4'(3'H)-yl]-2,3,4-trihydroxypentyl-adenosine diphosphate"
6 water water
#
_entity_poly.entity_id   1
_entity_poly.type   'polypeptide(L)'
_entity_poly.pdbx_seq_one_letter_code
;MENKTPIFFSLSIFLSLLNCAEAGNDLLSCLTFNGVRNHTVFSADSDSDFNRFLHLSIQNPLFQNSLISKPSAIILPGSK
EELSNTIRCIRKGSWTIRLRSGGHSYEGLSYTSDTPFILIDLMNLNRVSIDLESETAWVESGSTLGELYYAITESSSKLG
FTAGWCPTVGTGGHISGGGFGMMSRKYGLAADNVVDAILIDANGAILDRQAMGEDVFWAIRGGGGGVWGAIYAWKIKLLP
VPEKVTVFRVTKNVAIDEATSLLHKWQFVAEELEEDFTLSVLGGADEKQVWLTMLGFHFGLKTVAKSTFDLLFPELGLVE
EDYLEMSWGESFAYLAGLETVSQLNNRFLKFDERAFKTKVDLTKEPLPSKAFYGLLERLSKEPNGFIALNGFGGQMSKIS
SDFTPFPHRSGTRLMVEYIVAWNQSEQKKKTEFLDWLEKVYEFMKPFVSKNPRLGYVNHIDLDLGGIDWGNKTVVNNAIE
ISRSWGESYFLSNYERLIRAKTLIDPNNVFNHPQSIPPMANFDYLEKTLGSDGGEVVI
;
_entity_poly.pdbx_strand_id   A
#
# COMPACT_ATOMS: atom_id res chain seq x y z
N ASP A 26 -13.10 -3.62 33.39
CA ASP A 26 -12.81 -2.19 33.23
C ASP A 26 -11.49 -1.97 32.49
N LEU A 27 -11.61 -1.38 31.30
CA LEU A 27 -10.47 -1.24 30.39
C LEU A 27 -9.32 -0.43 30.98
N LEU A 28 -9.64 0.73 31.55
CA LEU A 28 -8.60 1.61 32.05
C LEU A 28 -7.84 0.98 33.22
N SER A 29 -8.57 0.34 34.13
CA SER A 29 -7.90 -0.33 35.24
C SER A 29 -7.03 -1.46 34.72
N CYS A 30 -7.51 -2.14 33.69
CA CYS A 30 -6.75 -3.24 33.11
C CYS A 30 -5.45 -2.69 32.51
N LEU A 31 -5.55 -1.62 31.75
CA LEU A 31 -4.36 -1.06 31.11
C LEU A 31 -3.38 -0.59 32.18
N THR A 32 -3.89 0.07 33.21
CA THR A 32 -3.07 0.56 34.30
C THR A 32 -2.35 -0.59 35.01
N PHE A 33 -3.11 -1.64 35.32
CA PHE A 33 -2.54 -2.81 35.99
C PHE A 33 -1.38 -3.41 35.19
N ASN A 34 -1.50 -3.39 33.87
CA ASN A 34 -0.48 -3.94 33.00
C ASN A 34 0.58 -2.94 32.58
N GLY A 35 0.51 -1.75 33.13
CA GLY A 35 1.52 -0.72 32.87
C GLY A 35 1.48 -0.19 31.45
N VAL A 36 0.33 -0.26 30.80
CA VAL A 36 0.17 0.35 29.47
C VAL A 36 -0.33 1.77 29.70
N ARG A 37 0.59 2.70 29.90
CA ARG A 37 0.23 3.98 30.45
C ARG A 37 -0.15 5.03 29.41
N ASN A 38 0.20 4.78 28.15
CA ASN A 38 -0.03 5.79 27.13
C ASN A 38 -1.37 5.54 26.47
N HIS A 39 -2.40 6.16 27.03
CA HIS A 39 -3.73 6.02 26.45
C HIS A 39 -4.57 7.23 26.83
N THR A 40 -5.57 7.52 26.00
CA THR A 40 -6.45 8.65 26.18
C THR A 40 -7.86 8.21 25.85
N VAL A 41 -8.85 8.79 26.52
CA VAL A 41 -10.24 8.48 26.23
C VAL A 41 -10.89 9.54 25.35
N PHE A 42 -11.99 9.17 24.71
CA PHE A 42 -12.67 10.05 23.76
C PHE A 42 -12.90 11.46 24.31
N SER A 43 -12.61 12.44 23.46
CA SER A 43 -12.95 13.84 23.68
C SER A 43 -13.04 14.55 22.33
N ALA A 44 -13.99 15.45 22.18
CA ALA A 44 -14.18 16.21 20.93
C ALA A 44 -13.34 17.48 20.89
N ASP A 45 -12.72 17.84 22.01
CA ASP A 45 -11.92 19.06 22.08
C ASP A 45 -10.78 19.01 21.09
N SER A 46 -10.80 19.94 20.14
CA SER A 46 -9.72 20.08 19.17
C SER A 46 -8.40 20.16 19.91
N ASP A 47 -8.46 20.60 21.17
CA ASP A 47 -7.27 20.78 21.98
C ASP A 47 -6.81 19.48 22.63
N SER A 48 -7.74 18.55 22.82
CA SER A 48 -7.47 17.35 23.60
C SER A 48 -6.38 16.49 22.95
N ASP A 49 -5.58 15.85 23.79
CA ASP A 49 -4.59 14.92 23.31
C ASP A 49 -5.31 13.85 22.49
N PHE A 50 -6.50 13.45 22.92
CA PHE A 50 -7.23 12.42 22.18
C PHE A 50 -7.45 12.82 20.73
N ASN A 51 -8.02 13.99 20.54
CA ASN A 51 -8.29 14.46 19.19
C ASN A 51 -7.00 14.63 18.39
N ARG A 52 -5.96 15.11 19.06
CA ARG A 52 -4.69 15.32 18.37
C ARG A 52 -4.13 13.99 17.88
N PHE A 53 -4.14 13.00 18.76
CA PHE A 53 -3.60 11.70 18.37
C PHE A 53 -4.48 11.03 17.32
N LEU A 54 -5.80 11.17 17.44
CA LEU A 54 -6.70 10.61 16.44
C LEU A 54 -6.35 11.13 15.06
N HIS A 55 -6.13 12.43 14.96
CA HIS A 55 -5.95 13.05 13.64
C HIS A 55 -4.53 12.99 13.10
N LEU A 56 -3.58 12.73 13.97
CA LEU A 56 -2.15 12.73 13.63
C LEU A 56 -1.85 11.86 12.42
N SER A 57 -2.46 10.66 12.42
CA SER A 57 -2.22 9.68 11.37
C SER A 57 -3.48 9.38 10.56
N ILE A 58 -4.41 10.33 10.44
CA ILE A 58 -5.45 10.16 9.44
C ILE A 58 -4.88 10.69 8.13
N GLN A 59 -4.51 9.78 7.25
CA GLN A 59 -3.77 10.17 6.05
C GLN A 59 -4.65 10.35 4.83
N ASN A 60 -5.94 10.12 4.99
CA ASN A 60 -6.89 10.53 3.97
C ASN A 60 -7.97 11.40 4.59
N PRO A 61 -7.87 12.73 4.40
CA PRO A 61 -8.80 13.70 4.98
C PRO A 61 -10.25 13.44 4.59
N LEU A 62 -10.49 12.57 3.61
CA LEU A 62 -11.86 12.15 3.32
C LEU A 62 -12.55 11.66 4.59
N PHE A 63 -11.77 11.14 5.54
CA PHE A 63 -12.34 10.52 6.73
C PHE A 63 -12.14 11.31 8.04
N GLN A 64 -11.93 12.61 7.93
CA GLN A 64 -11.57 13.38 9.12
C GLN A 64 -12.74 14.08 9.79
N ASN A 65 -13.90 14.15 9.14
CA ASN A 65 -14.98 15.00 9.65
C ASN A 65 -15.61 14.56 10.98
N SER A 66 -16.47 15.40 11.53
CA SER A 66 -17.05 15.19 12.85
C SER A 66 -18.15 14.12 12.89
N LEU A 67 -18.70 13.78 11.73
CA LEU A 67 -19.77 12.78 11.67
C LEU A 67 -19.26 11.35 11.44
N ILE A 68 -17.95 11.23 11.20
CA ILE A 68 -17.32 9.92 11.10
C ILE A 68 -17.26 9.26 12.49
N SER A 69 -17.34 7.94 12.51
CA SER A 69 -17.11 7.18 13.74
C SER A 69 -15.78 7.54 14.41
N LYS A 70 -15.77 7.55 15.75
CA LYS A 70 -14.60 7.88 16.57
C LYS A 70 -14.34 6.85 17.68
N PRO A 71 -13.07 6.55 17.97
CA PRO A 71 -12.75 5.55 18.99
C PRO A 71 -13.13 5.97 20.40
N SER A 72 -13.46 5.00 21.26
CA SER A 72 -13.79 5.30 22.67
C SER A 72 -12.51 5.61 23.47
N ALA A 73 -11.39 5.06 23.01
CA ALA A 73 -10.07 5.35 23.58
C ALA A 73 -9.03 5.06 22.52
N ILE A 74 -7.90 5.71 22.67
CA ILE A 74 -6.72 5.45 21.83
C ILE A 74 -5.58 5.02 22.74
N ILE A 75 -4.96 3.90 22.41
CA ILE A 75 -3.92 3.31 23.25
C ILE A 75 -2.67 3.24 22.40
N LEU A 76 -1.55 3.69 22.97
CA LEU A 76 -0.25 3.67 22.27
C LEU A 76 0.70 2.73 22.99
N PRO A 77 0.66 1.44 22.64
CA PRO A 77 1.55 0.51 23.33
C PRO A 77 3.02 0.80 22.99
N GLY A 78 3.90 0.58 23.95
CA GLY A 78 5.30 0.95 23.77
C GLY A 78 6.24 -0.24 23.68
N SER A 79 5.69 -1.45 23.74
CA SER A 79 6.48 -2.67 23.62
C SER A 79 5.59 -3.80 23.13
N LYS A 80 6.19 -4.93 22.77
CA LYS A 80 5.39 -6.09 22.36
C LYS A 80 4.54 -6.60 23.52
N GLU A 81 5.08 -6.57 24.73
CA GLU A 81 4.30 -6.95 25.91
C GLU A 81 3.09 -6.03 26.11
N GLU A 82 3.29 -4.72 25.96
CA GLU A 82 2.18 -3.80 26.11
C GLU A 82 1.14 -4.02 25.02
N LEU A 83 1.58 -4.35 23.81
CA LEU A 83 0.64 -4.61 22.72
C LEU A 83 -0.19 -5.84 23.04
N SER A 84 0.48 -6.88 23.54
CA SER A 84 -0.21 -8.10 23.97
C SER A 84 -1.23 -7.81 25.05
N ASN A 85 -0.81 -7.08 26.08
CA ASN A 85 -1.74 -6.82 27.17
C ASN A 85 -2.88 -5.89 26.78
N THR A 86 -2.61 -5.00 25.82
CA THR A 86 -3.64 -4.12 25.30
C THR A 86 -4.75 -4.92 24.64
N ILE A 87 -4.36 -5.85 23.78
CA ILE A 87 -5.36 -6.71 23.14
C ILE A 87 -6.16 -7.47 24.22
N ARG A 88 -5.46 -8.09 25.15
CA ARG A 88 -6.10 -8.85 26.22
C ARG A 88 -7.09 -7.99 27.00
N CYS A 89 -6.69 -6.76 27.34
CA CYS A 89 -7.60 -5.88 28.09
C CYS A 89 -8.84 -5.54 27.28
N ILE A 90 -8.67 -5.32 25.98
CA ILE A 90 -9.81 -4.92 25.17
C ILE A 90 -10.77 -6.10 25.05
N ARG A 91 -10.23 -7.32 25.00
CA ARG A 91 -11.06 -8.53 24.88
C ARG A 91 -12.02 -8.69 26.06
N LYS A 92 -11.70 -8.08 27.19
CA LYS A 92 -12.54 -8.25 28.38
C LYS A 92 -13.83 -7.48 28.26
N GLY A 93 -13.87 -6.52 27.34
CA GLY A 93 -15.07 -5.76 27.07
C GLY A 93 -15.67 -6.16 25.73
N SER A 94 -16.51 -5.31 25.16
CA SER A 94 -17.23 -5.66 23.94
C SER A 94 -16.72 -4.92 22.71
N TRP A 95 -15.61 -4.22 22.88
CA TRP A 95 -15.15 -3.33 21.82
CA TRP A 95 -15.04 -3.35 21.88
C TRP A 95 -14.58 -4.06 20.63
N THR A 96 -14.67 -3.40 19.49
CA THR A 96 -14.03 -3.85 18.27
C THR A 96 -12.61 -3.28 18.30
N ILE A 97 -11.62 -4.10 17.97
CA ILE A 97 -10.24 -3.65 17.91
C ILE A 97 -9.95 -3.01 16.55
N ARG A 98 -9.28 -1.84 16.57
CA ARG A 98 -8.70 -1.26 15.36
C ARG A 98 -7.20 -1.05 15.57
N LEU A 99 -6.41 -1.47 14.60
CA LEU A 99 -4.96 -1.29 14.59
C LEU A 99 -4.61 -0.22 13.58
N ARG A 100 -3.73 0.69 13.98
CA ARG A 100 -3.24 1.68 13.03
C ARG A 100 -1.73 1.81 13.12
N SER A 101 -1.08 1.74 11.96
CA SER A 101 0.36 1.94 11.85
C SER A 101 0.63 3.31 11.24
N GLY A 102 0.52 3.40 9.93
CA GLY A 102 0.71 4.68 9.26
C GLY A 102 -0.57 5.45 8.95
N GLY A 103 -1.71 4.77 9.04
CA GLY A 103 -2.99 5.41 8.81
C GLY A 103 -3.30 5.71 7.34
N HIS A 104 -2.60 5.03 6.44
CA HIS A 104 -2.78 5.28 5.02
C HIS A 104 -3.93 4.52 4.35
N SER A 105 -4.66 3.70 5.09
CA SER A 105 -5.81 3.00 4.51
C SER A 105 -6.61 3.89 3.58
N TYR A 106 -6.78 3.47 2.33
CA TYR A 106 -7.50 4.29 1.39
C TYR A 106 -8.93 4.52 1.85
N GLU A 107 -9.45 3.56 2.62
CA GLU A 107 -10.85 3.59 3.09
C GLU A 107 -10.97 3.89 4.60
N GLY A 108 -9.87 4.36 5.18
CA GLY A 108 -9.87 4.73 6.58
C GLY A 108 -10.14 3.58 7.54
N LEU A 109 -9.80 2.37 7.14
CA LEU A 109 -10.25 1.19 7.91
C LEU A 109 -9.46 0.96 9.19
N SER A 110 -8.38 1.71 9.37
CA SER A 110 -7.61 1.58 10.62
C SER A 110 -8.12 2.46 11.74
N TYR A 111 -9.06 3.37 11.46
CA TYR A 111 -9.49 4.31 12.50
C TYR A 111 -10.98 4.64 12.38
N THR A 112 -11.71 3.78 11.67
CA THR A 112 -13.18 3.86 11.67
C THR A 112 -13.76 2.49 11.96
N SER A 113 -15.01 2.48 12.46
CA SER A 113 -15.72 1.26 12.80
C SER A 113 -17.18 1.60 12.99
N ASP A 114 -18.07 0.79 12.43
CA ASP A 114 -19.49 0.99 12.65
C ASP A 114 -19.95 0.61 14.08
N THR A 115 -19.07 -0.01 14.85
CA THR A 115 -19.39 -0.40 16.23
C THR A 115 -18.38 0.24 17.16
N PRO A 116 -18.73 0.39 18.45
CA PRO A 116 -17.77 1.05 19.34
C PRO A 116 -16.43 0.33 19.33
N PHE A 117 -15.36 1.10 19.36
CA PHE A 117 -14.05 0.51 19.13
C PHE A 117 -12.94 1.18 19.88
N ILE A 118 -11.83 0.47 20.02
CA ILE A 118 -10.65 1.00 20.65
C ILE A 118 -9.57 1.03 19.60
N LEU A 119 -8.90 2.17 19.46
CA LEU A 119 -7.86 2.32 18.43
C LEU A 119 -6.53 2.09 19.09
N ILE A 120 -5.81 1.09 18.60
CA ILE A 120 -4.46 0.80 19.08
C ILE A 120 -3.53 1.43 18.05
N ASP A 121 -2.91 2.54 18.41
CA ASP A 121 -2.04 3.27 17.51
C ASP A 121 -0.62 2.84 17.79
N LEU A 122 0.04 2.37 16.73
CA LEU A 122 1.35 1.76 16.88
C LEU A 122 2.54 2.70 16.65
N MET A 123 2.30 4.00 16.64
CA MET A 123 3.38 4.96 16.30
C MET A 123 4.59 4.86 17.21
N ASN A 124 4.42 4.39 18.44
CA ASN A 124 5.56 4.31 19.34
C ASN A 124 6.35 3.04 19.16
N LEU A 125 5.82 2.13 18.34
CA LEU A 125 6.54 0.91 18.01
C LEU A 125 7.18 1.17 16.66
N ASN A 126 8.18 2.06 16.62
CA ASN A 126 8.82 2.41 15.36
C ASN A 126 10.33 2.18 15.36
N ARG A 127 10.77 1.18 16.13
CA ARG A 127 12.19 0.83 16.17
C ARG A 127 12.57 -0.08 15.03
N VAL A 128 13.71 0.23 14.40
CA VAL A 128 14.28 -0.60 13.36
C VAL A 128 15.63 -1.07 13.88
N SER A 129 15.84 -2.37 13.85
CA SER A 129 17.10 -2.96 14.30
CA SER A 129 17.11 -2.94 14.30
C SER A 129 17.77 -3.66 13.13
N ILE A 130 18.89 -3.12 12.67
CA ILE A 130 19.57 -3.70 11.51
C ILE A 130 20.70 -4.60 11.94
N ASP A 131 20.79 -5.78 11.34
CA ASP A 131 21.86 -6.73 11.62
C ASP A 131 22.67 -6.84 10.34
N LEU A 132 23.87 -6.26 10.35
CA LEU A 132 24.68 -6.24 9.14
C LEU A 132 25.41 -7.55 8.90
N GLU A 133 25.46 -8.42 9.90
CA GLU A 133 26.09 -9.72 9.71
C GLU A 133 25.17 -10.68 8.98
N SER A 134 23.87 -10.57 9.23
CA SER A 134 22.91 -11.38 8.50
C SER A 134 22.29 -10.62 7.32
N GLU A 135 22.48 -9.31 7.29
CA GLU A 135 21.79 -8.45 6.35
C GLU A 135 20.27 -8.66 6.42
N THR A 136 19.76 -8.57 7.64
CA THR A 136 18.32 -8.59 7.90
C THR A 136 18.00 -7.44 8.85
N ALA A 137 16.72 -7.15 9.02
CA ALA A 137 16.32 -6.14 10.00
C ALA A 137 15.04 -6.56 10.66
N TRP A 138 14.93 -6.30 11.96
CA TRP A 138 13.65 -6.39 12.66
C TRP A 138 13.05 -4.99 12.68
N VAL A 139 11.81 -4.89 12.21
CA VAL A 139 11.16 -3.60 11.99
C VAL A 139 9.88 -3.59 12.77
N GLU A 140 9.81 -2.82 13.84
CA GLU A 140 8.53 -2.74 14.56
C GLU A 140 7.46 -2.19 13.61
N SER A 141 6.21 -2.63 13.77
CA SER A 141 5.18 -2.40 12.75
C SER A 141 4.60 -0.99 12.70
N GLY A 142 4.98 -0.14 13.66
CA GLY A 142 4.62 1.26 13.57
C GLY A 142 5.64 2.05 12.75
N SER A 143 6.76 1.43 12.40
CA SER A 143 7.75 2.08 11.54
C SER A 143 7.15 2.42 10.19
N THR A 144 7.40 3.63 9.71
CA THR A 144 7.01 3.96 8.35
C THR A 144 8.05 3.49 7.33
N LEU A 145 7.66 3.49 6.06
CA LEU A 145 8.60 3.14 4.99
C LEU A 145 9.80 4.07 5.03
N GLY A 146 9.56 5.35 5.25
CA GLY A 146 10.64 6.32 5.30
C GLY A 146 11.55 6.09 6.47
N GLU A 147 10.98 5.79 7.63
CA GLU A 147 11.81 5.46 8.80
C GLU A 147 12.70 4.26 8.52
N LEU A 148 12.13 3.28 7.84
CA LEU A 148 12.89 2.08 7.50
C LEU A 148 13.99 2.42 6.50
N TYR A 149 13.63 3.10 5.42
CA TYR A 149 14.64 3.44 4.44
C TYR A 149 15.77 4.25 5.05
N TYR A 150 15.42 5.21 5.92
CA TYR A 150 16.43 6.05 6.53
C TYR A 150 17.37 5.18 7.37
N ALA A 151 16.80 4.29 8.17
CA ALA A 151 17.61 3.41 9.03
C ALA A 151 18.57 2.60 8.19
N ILE A 152 18.06 2.07 7.07
CA ILE A 152 18.92 1.26 6.20
C ILE A 152 20.05 2.11 5.63
N THR A 153 19.76 3.29 5.10
CA THR A 153 20.80 4.14 4.50
CA THR A 153 20.80 4.11 4.49
C THR A 153 21.87 4.52 5.51
N GLU A 154 21.46 4.77 6.75
CA GLU A 154 22.42 5.12 7.79
C GLU A 154 23.36 3.96 8.09
N SER A 155 22.89 2.74 7.93
CA SER A 155 23.68 1.56 8.28
C SER A 155 24.61 1.09 7.17
N SER A 156 24.23 1.32 5.92
CA SER A 156 25.00 0.78 4.80
C SER A 156 24.72 1.54 3.52
N SER A 157 25.74 1.66 2.68
CA SER A 157 25.57 2.29 1.38
C SER A 157 25.26 1.25 0.30
N LYS A 158 25.20 -0.02 0.67
CA LYS A 158 25.02 -1.08 -0.31
C LYS A 158 23.84 -1.97 -0.03
N LEU A 159 22.96 -1.52 0.85
CA LEU A 159 21.73 -2.28 1.13
C LEU A 159 20.50 -1.40 0.95
N GLY A 160 19.41 -2.01 0.50
CA GLY A 160 18.13 -1.31 0.46
C GLY A 160 17.00 -2.28 0.76
N PHE A 161 15.78 -1.85 0.49
CA PHE A 161 14.66 -2.74 0.68
C PHE A 161 13.58 -2.34 -0.30
N THR A 162 12.84 -3.35 -0.75
CA THR A 162 11.77 -3.13 -1.71
C THR A 162 10.41 -2.90 -1.03
N ALA A 163 9.95 -1.66 -1.08
CA ALA A 163 8.61 -1.33 -0.64
C ALA A 163 8.13 -0.10 -1.39
N GLY A 164 7.02 0.46 -0.94
CA GLY A 164 6.39 1.54 -1.69
C GLY A 164 7.11 2.86 -1.66
N TRP A 165 6.62 3.81 -2.46
CA TRP A 165 7.35 5.05 -2.62
C TRP A 165 6.96 6.16 -1.63
N CYS A 166 5.81 5.98 -0.95
CA CYS A 166 5.29 7.02 -0.05
C CYS A 166 5.95 6.85 1.31
N PRO A 167 6.75 7.83 1.74
CA PRO A 167 7.53 7.62 2.95
CA PRO A 167 7.54 7.67 2.97
C PRO A 167 6.73 7.58 4.26
N THR A 168 5.49 8.05 4.25
CA THR A 168 4.74 8.03 5.51
C THR A 168 3.81 6.83 5.67
N VAL A 169 3.80 5.97 4.68
CA VAL A 169 3.06 4.71 4.78
C VAL A 169 3.66 3.86 5.89
N GLY A 170 2.79 3.24 6.69
CA GLY A 170 3.27 2.35 7.74
C GLY A 170 3.62 0.94 7.27
N THR A 171 4.66 0.37 7.86
CA THR A 171 5.02 -1.02 7.52
C THR A 171 3.93 -2.00 7.98
N GLY A 172 3.19 -1.64 9.02
CA GLY A 172 2.15 -2.52 9.51
C GLY A 172 1.10 -2.87 8.46
N GLY A 173 0.49 -1.86 7.86
CA GLY A 173 -0.51 -2.10 6.83
C GLY A 173 0.16 -2.54 5.54
N HIS A 174 1.25 -1.85 5.17
CA HIS A 174 1.84 -2.02 3.85
C HIS A 174 2.36 -3.43 3.60
N ILE A 175 3.18 -3.94 4.52
CA ILE A 175 3.73 -5.26 4.31
C ILE A 175 2.63 -6.30 4.49
N SER A 176 1.68 -6.04 5.38
CA SER A 176 0.56 -6.98 5.56
C SER A 176 -0.21 -7.18 4.25
N GLY A 177 -0.18 -6.17 3.38
CA GLY A 177 -0.90 -6.24 2.12
C GLY A 177 -0.08 -6.53 0.88
N GLY A 178 1.24 -6.75 1.04
CA GLY A 178 2.10 -6.97 -0.11
C GLY A 178 3.23 -5.94 -0.06
N GLY A 179 3.02 -4.85 -0.80
CA GLY A 179 3.91 -3.70 -0.73
C GLY A 179 4.74 -3.55 -2.01
N PHE A 180 4.23 -2.75 -2.95
CA PHE A 180 4.81 -2.64 -4.28
C PHE A 180 5.52 -1.31 -4.43
N GLY A 181 6.68 -1.30 -5.08
CA GLY A 181 7.33 -0.04 -5.34
C GLY A 181 8.32 -0.12 -6.50
N MET A 182 9.20 0.88 -6.54
CA MET A 182 10.06 1.10 -7.69
C MET A 182 11.13 0.03 -7.87
N MET A 183 11.36 -0.80 -6.85
CA MET A 183 12.30 -1.92 -7.00
C MET A 183 11.60 -3.27 -7.09
N SER A 184 10.28 -3.28 -7.22
CA SER A 184 9.55 -4.56 -7.28
C SER A 184 9.84 -5.38 -8.53
N ARG A 185 10.22 -4.73 -9.62
CA ARG A 185 10.59 -5.48 -10.81
CA ARG A 185 10.60 -5.47 -10.82
C ARG A 185 11.92 -6.22 -10.62
N LYS A 186 12.71 -5.78 -9.63
CA LYS A 186 13.97 -6.43 -9.32
C LYS A 186 13.78 -7.44 -8.17
N TYR A 187 12.96 -7.07 -7.18
CA TYR A 187 12.97 -7.81 -5.92
C TYR A 187 11.59 -8.23 -5.43
N GLY A 188 10.54 -7.92 -6.18
CA GLY A 188 9.18 -8.27 -5.76
C GLY A 188 8.64 -7.34 -4.70
N LEU A 189 7.65 -7.83 -3.95
CA LEU A 189 6.99 -7.00 -2.94
C LEU A 189 7.74 -7.05 -1.62
N ALA A 190 7.44 -6.08 -0.75
CA ALA A 190 8.01 -6.10 0.58
C ALA A 190 7.73 -7.44 1.24
N ALA A 191 6.48 -7.90 1.13
CA ALA A 191 6.08 -9.14 1.77
C ALA A 191 6.82 -10.38 1.22
N ASP A 192 7.36 -10.26 0.01
CA ASP A 192 8.11 -11.38 -0.60
C ASP A 192 9.49 -11.52 0.00
N ASN A 193 9.85 -10.58 0.87
CA ASN A 193 11.20 -10.54 1.43
C ASN A 193 11.16 -10.54 2.95
N VAL A 194 10.07 -11.07 3.51
CA VAL A 194 9.91 -11.22 4.95
C VAL A 194 10.30 -12.64 5.33
N VAL A 195 11.18 -12.79 6.30
CA VAL A 195 11.68 -14.11 6.66
C VAL A 195 11.24 -14.57 8.04
N ASP A 196 10.76 -13.65 8.86
CA ASP A 196 10.15 -14.00 10.14
C ASP A 196 9.23 -12.83 10.51
N ALA A 197 8.44 -13.00 11.56
CA ALA A 197 7.59 -11.93 12.04
C ALA A 197 7.11 -12.27 13.41
N ILE A 198 6.70 -11.27 14.16
CA ILE A 198 6.06 -11.54 15.44
CA ILE A 198 6.07 -11.51 15.45
C ILE A 198 4.62 -11.07 15.36
N LEU A 199 3.71 -12.03 15.49
CA LEU A 199 2.27 -11.79 15.45
C LEU A 199 1.72 -11.99 16.84
N ILE A 200 0.90 -11.02 17.28
CA ILE A 200 0.23 -11.14 18.56
CA ILE A 200 0.21 -11.11 18.56
C ILE A 200 -1.23 -11.48 18.25
N ASP A 201 -1.68 -12.63 18.74
CA ASP A 201 -2.99 -13.12 18.33
C ASP A 201 -4.11 -12.60 19.21
N ALA A 202 -5.31 -13.13 18.97
CA ALA A 202 -6.51 -12.67 19.62
C ALA A 202 -6.50 -12.85 21.13
N ASN A 203 -5.67 -13.77 21.61
CA ASN A 203 -5.52 -13.97 23.06
C ASN A 203 -4.27 -13.32 23.65
N GLY A 204 -3.63 -12.48 22.84
CA GLY A 204 -2.40 -11.83 23.26
C GLY A 204 -1.17 -12.73 23.19
N ALA A 205 -1.30 -13.91 22.59
CA ALA A 205 -0.12 -14.78 22.45
C ALA A 205 0.91 -14.17 21.50
N ILE A 206 2.18 -14.26 21.87
CA ILE A 206 3.24 -13.62 21.08
C ILE A 206 3.92 -14.73 20.27
N LEU A 207 3.74 -14.69 18.95
CA LEU A 207 4.09 -15.81 18.08
C LEU A 207 5.09 -15.39 17.01
N ASP A 208 6.23 -16.08 16.94
CA ASP A 208 7.11 -15.90 15.78
C ASP A 208 6.73 -16.88 14.67
N ARG A 209 7.50 -16.91 13.59
CA ARG A 209 7.18 -17.76 12.47
C ARG A 209 7.06 -19.22 12.89
N GLN A 210 8.02 -19.69 13.70
CA GLN A 210 7.98 -21.08 14.12
C GLN A 210 6.72 -21.37 14.92
N ALA A 211 6.33 -20.42 15.76
CA ALA A 211 5.20 -20.62 16.66
C ALA A 211 3.85 -20.53 15.92
N MET A 212 3.75 -19.61 14.96
CA MET A 212 2.48 -19.41 14.27
C MET A 212 2.22 -20.46 13.19
N GLY A 213 3.29 -21.07 12.69
CA GLY A 213 3.19 -22.08 11.63
C GLY A 213 3.18 -21.51 10.23
N GLU A 214 3.39 -22.38 9.24
CA GLU A 214 3.63 -21.88 7.88
C GLU A 214 2.40 -21.33 7.19
N ASP A 215 1.21 -21.86 7.48
CA ASP A 215 0.00 -21.30 6.89
C ASP A 215 -0.24 -19.85 7.33
N VAL A 216 -0.14 -19.62 8.62
CA VAL A 216 -0.34 -18.27 9.16
C VAL A 216 0.80 -17.36 8.70
N PHE A 217 2.03 -17.86 8.70
CA PHE A 217 3.15 -17.01 8.27
C PHE A 217 3.03 -16.62 6.78
N TRP A 218 2.44 -17.51 5.99
CA TRP A 218 2.12 -17.19 4.61
C TRP A 218 1.01 -16.14 4.54
N ALA A 219 -0.09 -16.36 5.28
CA ALA A 219 -1.22 -15.43 5.22
C ALA A 219 -0.85 -14.01 5.56
N ILE A 220 0.02 -13.84 6.56
CA ILE A 220 0.31 -12.46 6.99
C ILE A 220 1.14 -11.68 5.96
N ARG A 221 1.81 -12.40 5.07
CA ARG A 221 2.68 -11.78 4.07
C ARG A 221 1.91 -11.36 2.82
N GLY A 222 0.84 -10.59 3.01
CA GLY A 222 0.07 -10.13 1.88
C GLY A 222 -1.44 -10.35 1.96
N GLY A 223 -1.87 -11.07 2.99
CA GLY A 223 -3.28 -11.43 3.13
C GLY A 223 -4.17 -10.30 3.62
N GLY A 224 -3.55 -9.16 3.92
CA GLY A 224 -4.28 -7.96 4.35
C GLY A 224 -4.13 -7.67 5.83
N GLY A 225 -3.90 -6.40 6.16
CA GLY A 225 -3.89 -6.00 7.55
C GLY A 225 -5.26 -6.06 8.21
N GLY A 226 -5.23 -6.14 9.52
CA GLY A 226 -6.44 -6.04 10.33
C GLY A 226 -7.24 -7.34 10.35
N VAL A 227 -6.60 -8.46 10.01
CA VAL A 227 -7.31 -9.73 9.81
C VAL A 227 -6.80 -10.89 10.67
N TRP A 228 -5.50 -10.89 10.97
CA TRP A 228 -4.84 -12.09 11.50
C TRP A 228 -4.48 -11.97 12.96
N GLY A 229 -4.45 -10.73 13.43
CA GLY A 229 -3.81 -10.40 14.69
C GLY A 229 -3.05 -9.11 14.49
N ALA A 230 -2.27 -8.73 15.49
CA ALA A 230 -1.47 -7.52 15.41
C ALA A 230 -0.03 -7.89 15.14
N ILE A 231 0.50 -7.50 13.98
CA ILE A 231 1.92 -7.72 13.78
C ILE A 231 2.65 -6.77 14.71
N TYR A 232 3.57 -7.30 15.54
CA TYR A 232 4.43 -6.46 16.36
C TYR A 232 5.65 -6.01 15.56
N ALA A 233 6.28 -6.96 14.88
CA ALA A 233 7.45 -6.64 14.07
C ALA A 233 7.60 -7.59 12.90
N TRP A 234 8.29 -7.11 11.88
CA TRP A 234 8.62 -7.90 10.69
C TRP A 234 10.11 -8.11 10.66
N LYS A 235 10.55 -9.31 10.30
CA LYS A 235 11.98 -9.51 10.03
C LYS A 235 12.14 -9.60 8.51
N ILE A 236 12.88 -8.65 7.96
CA ILE A 236 13.00 -8.54 6.52
C ILE A 236 14.42 -8.85 6.11
N LYS A 237 14.56 -9.37 4.89
CA LYS A 237 15.88 -9.53 4.29
C LYS A 237 16.25 -8.22 3.60
N LEU A 238 17.40 -7.67 3.96
CA LEU A 238 17.91 -6.49 3.25
C LEU A 238 18.57 -6.92 1.92
N LEU A 239 18.49 -6.03 0.94
CA LEU A 239 18.73 -6.41 -0.44
C LEU A 239 19.84 -5.58 -1.04
N PRO A 240 20.67 -6.20 -1.89
CA PRO A 240 21.82 -5.43 -2.41
C PRO A 240 21.39 -4.29 -3.30
N VAL A 241 22.06 -3.16 -3.14
CA VAL A 241 21.92 -2.07 -4.10
C VAL A 241 23.32 -1.55 -4.38
N PRO A 242 23.53 -1.03 -5.59
CA PRO A 242 24.86 -0.45 -5.84
C PRO A 242 25.01 0.84 -5.07
N GLU A 243 26.26 1.27 -4.90
CA GLU A 243 26.52 2.51 -4.19
C GLU A 243 25.94 3.72 -4.91
N LYS A 244 25.82 3.61 -6.23
CA LYS A 244 25.22 4.66 -7.05
C LYS A 244 24.15 4.05 -7.93
N VAL A 245 22.97 4.63 -7.85
CA VAL A 245 21.89 4.28 -8.75
C VAL A 245 21.51 5.52 -9.52
N THR A 246 20.69 5.35 -10.55
CA THR A 246 20.31 6.51 -11.36
C THR A 246 18.80 6.66 -11.36
N VAL A 247 18.34 7.89 -11.18
CA VAL A 247 16.92 8.17 -11.26
C VAL A 247 16.63 9.39 -12.12
N PHE A 248 15.40 9.47 -12.60
CA PHE A 248 14.91 10.72 -13.18
C PHE A 248 13.45 10.90 -12.84
N ARG A 249 13.06 12.17 -12.82
CA ARG A 249 11.67 12.56 -12.59
CA ARG A 249 11.67 12.55 -12.60
C ARG A 249 11.43 13.73 -13.53
N VAL A 250 10.79 13.46 -14.66
CA VAL A 250 10.69 14.45 -15.72
C VAL A 250 9.25 14.59 -16.19
N THR A 251 8.73 15.81 -16.14
CA THR A 251 7.37 16.04 -16.59
C THR A 251 7.37 16.55 -18.01
N LYS A 252 6.68 15.83 -18.88
CA LYS A 252 6.50 16.22 -20.27
C LYS A 252 5.18 16.95 -20.36
N ASN A 253 5.19 18.15 -20.95
CA ASN A 253 3.94 18.86 -21.22
C ASN A 253 3.66 18.75 -22.71
N VAL A 254 2.61 18.00 -23.02
CA VAL A 254 2.29 17.62 -24.38
C VAL A 254 0.79 17.74 -24.68
N ALA A 255 0.43 17.45 -25.92
CA ALA A 255 -0.97 17.42 -26.33
C ALA A 255 -1.44 15.97 -26.36
N ILE A 256 -2.74 15.76 -26.51
CA ILE A 256 -3.29 14.42 -26.36
C ILE A 256 -2.75 13.38 -27.35
N ASP A 257 -2.50 13.77 -28.59
CA ASP A 257 -2.00 12.78 -29.54
C ASP A 257 -0.63 12.26 -29.12
N GLU A 258 0.26 13.17 -28.75
CA GLU A 258 1.59 12.76 -28.32
C GLU A 258 1.54 11.97 -27.00
N ALA A 259 0.72 12.42 -26.07
CA ALA A 259 0.59 11.71 -24.80
C ALA A 259 0.10 10.28 -25.03
N THR A 260 -0.84 10.12 -25.95
CA THR A 260 -1.36 8.79 -26.25
C THR A 260 -0.26 7.90 -26.83
N SER A 261 0.51 8.45 -27.76
CA SER A 261 1.61 7.71 -28.37
CA SER A 261 1.61 7.71 -28.37
C SER A 261 2.67 7.31 -27.34
N LEU A 262 2.96 8.24 -26.42
CA LEU A 262 3.91 8.00 -25.37
C LEU A 262 3.43 6.89 -24.44
N LEU A 263 2.19 6.99 -24.00
CA LEU A 263 1.68 5.97 -23.08
C LEU A 263 1.55 4.60 -23.76
N HIS A 264 1.11 4.59 -25.00
CA HIS A 264 0.97 3.33 -25.69
C HIS A 264 2.30 2.59 -25.86
N LYS A 265 3.36 3.33 -26.18
CA LYS A 265 4.69 2.71 -26.25
C LYS A 265 5.24 2.41 -24.86
N TRP A 266 4.98 3.30 -23.90
CA TRP A 266 5.44 3.07 -22.53
C TRP A 266 5.09 1.67 -22.02
N GLN A 267 3.87 1.19 -22.27
CA GLN A 267 3.48 -0.08 -21.66
C GLN A 267 4.40 -1.21 -22.12
N PHE A 268 4.89 -1.12 -23.35
CA PHE A 268 5.75 -2.16 -23.87
C PHE A 268 7.17 -1.99 -23.35
N VAL A 269 7.66 -0.77 -23.38
CA VAL A 269 9.00 -0.50 -22.84
C VAL A 269 9.06 -0.91 -21.37
N ALA A 270 8.03 -0.57 -20.61
N ALA A 270 8.02 -0.57 -20.61
CA ALA A 270 7.99 -1.01 -19.22
CA ALA A 270 8.00 -0.77 -19.17
C ALA A 270 8.27 -2.51 -19.13
C ALA A 270 7.95 -2.23 -18.71
N GLU A 271 7.87 -3.24 -20.16
N GLU A 271 7.17 -3.04 -19.41
CA GLU A 271 8.03 -4.69 -20.20
CA GLU A 271 7.01 -4.45 -19.05
C GLU A 271 9.34 -5.16 -20.82
C GLU A 271 8.24 -5.26 -19.43
N GLU A 272 9.78 -4.49 -21.88
N GLU A 272 8.90 -4.84 -20.50
CA GLU A 272 10.99 -4.91 -22.56
CA GLU A 272 9.96 -5.63 -21.09
C GLU A 272 12.25 -4.56 -21.76
C GLU A 272 11.38 -5.18 -20.71
N LEU A 273 12.10 -3.65 -20.79
N LEU A 273 11.50 -4.07 -20.02
CA LEU A 273 13.17 -3.37 -19.84
CA LEU A 273 12.82 -3.59 -19.58
C LEU A 273 13.52 -4.58 -18.97
C LEU A 273 13.49 -4.67 -18.76
N GLU A 274 14.83 -4.77 -18.80
CA GLU A 274 15.44 -5.73 -17.90
C GLU A 274 15.09 -5.34 -16.47
N GLU A 275 15.27 -6.27 -15.54
CA GLU A 275 14.78 -6.05 -14.17
C GLU A 275 15.51 -4.93 -13.44
N ASP A 276 16.68 -4.54 -13.95
CA ASP A 276 17.46 -3.48 -13.34
C ASP A 276 16.92 -2.09 -13.69
N PHE A 277 15.80 -2.03 -14.40
CA PHE A 277 15.18 -0.74 -14.76
C PHE A 277 13.72 -0.75 -14.36
N THR A 278 13.23 0.41 -13.93
CA THR A 278 11.80 0.61 -13.75
C THR A 278 11.45 1.95 -14.36
N LEU A 279 10.42 1.98 -15.21
CA LEU A 279 9.91 3.26 -15.72
C LEU A 279 8.42 3.32 -15.43
N SER A 280 8.02 4.29 -14.61
CA SER A 280 6.61 4.46 -14.23
C SER A 280 6.14 5.85 -14.60
N VAL A 281 4.83 6.06 -14.54
CA VAL A 281 4.27 7.31 -15.05
C VAL A 281 3.17 7.83 -14.12
N LEU A 282 3.17 9.12 -13.87
CA LEU A 282 2.01 9.78 -13.28
C LEU A 282 1.46 10.69 -14.37
N GLY A 283 0.15 10.74 -14.54
CA GLY A 283 -0.36 11.58 -15.62
C GLY A 283 -1.67 12.27 -15.31
N GLY A 284 -1.89 13.39 -15.98
CA GLY A 284 -3.13 14.13 -15.86
C GLY A 284 -3.21 15.18 -16.95
N ALA A 285 -4.26 16.00 -16.90
CA ALA A 285 -4.52 16.92 -17.99
C ALA A 285 -5.46 18.04 -17.59
N ASP A 286 -5.58 19.03 -18.47
CA ASP A 286 -6.51 20.13 -18.26
C ASP A 286 -6.81 20.73 -19.62
N GLU A 287 -7.98 20.40 -20.16
CA GLU A 287 -8.36 20.78 -21.50
C GLU A 287 -7.26 20.34 -22.48
N LYS A 288 -6.65 21.28 -23.21
CA LYS A 288 -5.67 20.93 -24.23
C LYS A 288 -4.30 20.46 -23.71
N GLN A 289 -4.00 20.73 -22.44
CA GLN A 289 -2.66 20.46 -21.94
C GLN A 289 -2.61 19.17 -21.13
N VAL A 290 -1.73 18.26 -21.53
CA VAL A 290 -1.55 17.00 -20.83
C VAL A 290 -0.17 17.01 -20.19
N TRP A 291 -0.06 16.52 -18.95
CA TRP A 291 1.23 16.37 -18.31
C TRP A 291 1.48 14.90 -18.00
N LEU A 292 2.69 14.45 -18.31
CA LEU A 292 3.10 13.08 -18.00
C LEU A 292 4.41 13.16 -17.24
N THR A 293 4.41 12.70 -16.01
CA THR A 293 5.64 12.69 -15.22
C THR A 293 6.26 11.31 -15.28
N MET A 294 7.46 11.24 -15.87
CA MET A 294 8.17 9.99 -16.07
C MET A 294 9.11 9.77 -14.92
N LEU A 295 8.95 8.65 -14.23
CA LEU A 295 9.77 8.31 -13.07
C LEU A 295 10.63 7.13 -13.44
N GLY A 296 11.95 7.31 -13.39
CA GLY A 296 12.85 6.25 -13.82
C GLY A 296 13.78 5.83 -12.70
N PHE A 297 14.08 4.53 -12.63
CA PHE A 297 15.04 4.00 -11.68
C PHE A 297 15.91 2.98 -12.38
N HIS A 298 17.23 3.11 -12.27
CA HIS A 298 18.15 2.10 -12.76
C HIS A 298 19.13 1.67 -11.68
N PHE A 299 19.27 0.35 -11.51
CA PHE A 299 20.26 -0.20 -10.56
C PHE A 299 21.65 -0.11 -11.16
N GLY A 300 22.16 1.10 -11.28
CA GLY A 300 23.40 1.29 -11.98
C GLY A 300 23.62 2.74 -12.35
N LEU A 301 24.61 2.94 -13.22
CA LEU A 301 25.15 4.26 -13.52
C LEU A 301 24.42 4.97 -14.63
N LYS A 302 24.62 6.29 -14.72
CA LYS A 302 23.76 7.07 -15.59
C LYS A 302 24.09 6.90 -17.06
N THR A 303 25.34 6.55 -17.38
CA THR A 303 25.74 6.30 -18.76
CA THR A 303 25.70 6.33 -18.77
C THR A 303 24.91 5.16 -19.33
N VAL A 304 24.84 4.08 -18.56
CA VAL A 304 24.06 2.90 -18.97
C VAL A 304 22.55 3.20 -18.96
N ALA A 305 22.10 3.90 -17.93
CA ALA A 305 20.68 4.22 -17.85
C ALA A 305 20.26 5.02 -19.07
N LYS A 306 21.00 6.07 -19.39
CA LYS A 306 20.60 6.90 -20.52
C LYS A 306 20.72 6.18 -21.84
N SER A 307 21.75 5.35 -21.98
CA SER A 307 21.93 4.61 -23.23
C SER A 307 20.72 3.74 -23.50
N THR A 308 20.22 3.10 -22.46
CA THR A 308 19.07 2.23 -22.59
C THR A 308 17.82 2.98 -23.04
N PHE A 309 17.51 4.10 -22.39
CA PHE A 309 16.32 4.83 -22.84
C PHE A 309 16.53 5.55 -24.17
N ASP A 310 17.76 5.94 -24.49
CA ASP A 310 18.05 6.52 -25.80
C ASP A 310 17.72 5.51 -26.91
N LEU A 311 17.99 4.24 -26.65
CA LEU A 311 17.76 3.18 -27.63
CA LEU A 311 17.75 3.18 -27.62
C LEU A 311 16.31 2.74 -27.64
N LEU A 312 15.76 2.49 -26.44
CA LEU A 312 14.41 1.92 -26.34
C LEU A 312 13.27 2.94 -26.33
N PHE A 313 13.52 4.18 -25.96
CA PHE A 313 12.43 5.15 -25.78
C PHE A 313 12.91 6.58 -26.04
N PRO A 314 13.49 6.83 -27.21
CA PRO A 314 14.00 8.17 -27.50
C PRO A 314 12.88 9.20 -27.55
N GLU A 315 11.64 8.74 -27.74
CA GLU A 315 10.50 9.63 -27.83
C GLU A 315 10.27 10.39 -26.52
N LEU A 316 10.84 9.89 -25.43
CA LEU A 316 10.72 10.59 -24.14
C LEU A 316 11.46 11.92 -24.14
N GLY A 317 12.47 12.04 -25.00
CA GLY A 317 13.23 13.27 -25.10
C GLY A 317 14.00 13.62 -23.84
N LEU A 318 14.46 12.60 -23.12
CA LEU A 318 15.27 12.85 -21.93
C LEU A 318 16.68 13.27 -22.32
N VAL A 319 17.23 14.21 -21.57
CA VAL A 319 18.59 14.69 -21.84
C VAL A 319 19.47 14.33 -20.67
N GLU A 320 20.78 14.50 -20.85
CA GLU A 320 21.75 14.06 -19.86
C GLU A 320 21.45 14.63 -18.48
N GLU A 321 21.05 15.90 -18.46
CA GLU A 321 20.82 16.58 -17.17
C GLU A 321 19.61 16.04 -16.41
N ASP A 322 18.76 15.29 -17.09
CA ASP A 322 17.61 14.67 -16.43
C ASP A 322 18.01 13.50 -15.53
N TYR A 323 19.13 12.87 -15.86
CA TYR A 323 19.56 11.67 -15.15
C TYR A 323 20.44 12.06 -13.98
N LEU A 324 20.02 11.65 -12.79
CA LEU A 324 20.77 11.96 -11.58
CA LEU A 324 20.78 11.96 -11.58
C LEU A 324 21.30 10.68 -10.94
N GLU A 325 22.61 10.68 -10.66
CA GLU A 325 23.26 9.56 -9.98
C GLU A 325 23.38 9.87 -8.50
N MET A 326 22.95 8.94 -7.66
CA MET A 326 22.92 9.20 -6.23
C MET A 326 22.84 7.87 -5.49
N SER A 327 22.90 7.92 -4.17
CA SER A 327 22.80 6.69 -3.39
C SER A 327 21.39 6.14 -3.43
N TRP A 328 21.23 4.88 -3.05
CA TRP A 328 19.90 4.33 -3.02
C TRP A 328 18.96 5.14 -2.10
N GLY A 329 19.45 5.47 -0.91
CA GLY A 329 18.65 6.25 0.02
C GLY A 329 18.23 7.58 -0.58
N GLU A 330 19.20 8.24 -1.20
CA GLU A 330 18.88 9.51 -1.86
C GLU A 330 17.82 9.31 -2.94
N SER A 331 17.93 8.22 -3.69
CA SER A 331 17.04 7.97 -4.83
C SER A 331 15.60 7.83 -4.34
N PHE A 332 15.42 7.17 -3.21
CA PHE A 332 14.07 6.99 -2.68
C PHE A 332 13.49 8.29 -2.13
N ALA A 333 14.36 9.11 -1.56
CA ALA A 333 13.88 10.42 -1.13
C ALA A 333 13.53 11.26 -2.36
N TYR A 334 14.36 11.17 -3.41
CA TYR A 334 14.16 12.00 -4.60
C TYR A 334 12.89 11.62 -5.36
N LEU A 335 12.66 10.33 -5.50
CA LEU A 335 11.48 9.89 -6.24
C LEU A 335 10.21 10.31 -5.51
N ALA A 336 10.30 10.43 -4.19
CA ALA A 336 9.15 10.84 -3.37
C ALA A 336 8.99 12.35 -3.34
N GLY A 337 9.89 13.06 -4.00
CA GLY A 337 9.83 14.52 -4.04
C GLY A 337 10.29 15.19 -2.76
N LEU A 338 11.03 14.46 -1.92
CA LEU A 338 11.51 15.04 -0.66
C LEU A 338 12.75 15.87 -0.90
N GLU A 339 13.04 16.76 0.04
CA GLU A 339 14.21 17.61 -0.07
C GLU A 339 15.51 16.88 0.26
N THR A 340 15.44 15.96 1.22
CA THR A 340 16.63 15.30 1.78
C THR A 340 16.32 13.88 2.22
N VAL A 341 17.35 13.05 2.33
CA VAL A 341 17.19 11.76 2.97
C VAL A 341 16.67 11.89 4.39
N SER A 342 17.13 12.92 5.11
CA SER A 342 16.67 13.14 6.49
C SER A 342 15.15 13.17 6.56
N GLN A 343 14.51 13.73 5.54
CA GLN A 343 13.05 13.85 5.57
C GLN A 343 12.35 12.51 5.52
N LEU A 344 13.04 11.48 5.03
CA LEU A 344 12.44 10.14 5.10
C LEU A 344 12.10 9.75 6.53
N ASN A 345 12.86 10.27 7.49
CA ASN A 345 12.71 9.86 8.88
C ASN A 345 11.64 10.66 9.62
N ASN A 346 10.90 11.49 8.89
CA ASN A 346 9.86 12.32 9.49
C ASN A 346 8.46 11.81 9.15
N ARG A 347 7.89 11.02 10.05
CA ARG A 347 6.64 10.32 9.77
C ARG A 347 5.46 11.28 9.71
N PHE A 348 5.66 12.51 10.18
CA PHE A 348 4.55 13.47 10.23
C PHE A 348 4.65 14.54 9.14
N LEU A 349 5.61 14.39 8.24
CA LEU A 349 5.76 15.33 7.16
C LEU A 349 4.60 15.11 6.20
N LYS A 350 3.82 16.14 5.95
CA LYS A 350 2.71 15.98 5.02
C LYS A 350 2.96 16.73 3.71
N PHE A 351 3.19 15.95 2.66
CA PHE A 351 3.53 16.49 1.36
C PHE A 351 2.27 16.77 0.57
N ASP A 352 1.25 15.96 0.81
CA ASP A 352 -0.04 16.11 0.14
C ASP A 352 -1.19 15.87 1.12
N GLU A 353 -1.87 16.94 1.49
CA GLU A 353 -2.93 16.86 2.50
C GLU A 353 -4.34 16.91 1.91
N ARG A 354 -4.51 16.31 0.75
CA ARG A 354 -5.83 16.33 0.13
CA ARG A 354 -5.81 16.31 0.09
C ARG A 354 -6.59 15.04 0.40
N ALA A 355 -7.91 15.17 0.50
CA ALA A 355 -8.80 14.03 0.56
C ALA A 355 -8.73 13.38 -0.82
N PHE A 356 -8.94 12.08 -0.87
CA PHE A 356 -8.84 11.39 -2.15
C PHE A 356 -9.67 10.12 -2.19
N LYS A 357 -9.98 9.71 -3.41
CA LYS A 357 -10.56 8.38 -3.65
CA LYS A 357 -10.56 8.38 -3.65
C LYS A 357 -9.79 7.81 -4.83
N THR A 358 -9.52 6.52 -4.79
CA THR A 358 -8.74 5.90 -5.84
C THR A 358 -9.29 4.52 -6.16
N LYS A 359 -9.15 4.09 -7.42
CA LYS A 359 -9.44 2.72 -7.78
C LYS A 359 -8.25 2.19 -8.60
N VAL A 360 -8.17 0.88 -8.74
CA VAL A 360 -7.02 0.31 -9.41
C VAL A 360 -7.43 -0.85 -10.31
N ASP A 361 -6.68 -1.04 -11.40
CA ASP A 361 -6.85 -2.21 -12.25
C ASP A 361 -5.51 -2.91 -12.46
N LEU A 362 -5.56 -4.21 -12.72
CA LEU A 362 -4.40 -4.96 -13.18
C LEU A 362 -4.78 -5.47 -14.57
N THR A 363 -3.81 -5.50 -15.47
CA THR A 363 -4.07 -5.93 -16.83
C THR A 363 -3.37 -7.23 -17.18
N LYS A 364 -3.93 -7.94 -18.16
CA LYS A 364 -3.35 -9.17 -18.65
C LYS A 364 -3.02 -9.06 -20.14
N GLU A 365 -3.73 -8.20 -20.84
CA GLU A 365 -3.49 -7.97 -22.26
CA GLU A 365 -3.48 -7.97 -22.26
C GLU A 365 -3.03 -6.53 -22.46
N PRO A 366 -2.28 -6.27 -23.55
CA PRO A 366 -1.87 -4.89 -23.81
C PRO A 366 -3.10 -4.00 -23.93
N LEU A 367 -3.00 -2.76 -23.47
CA LEU A 367 -4.06 -1.80 -23.65
C LEU A 367 -3.99 -1.23 -25.07
N PRO A 368 -5.12 -1.21 -25.78
CA PRO A 368 -5.13 -0.57 -27.10
C PRO A 368 -4.96 0.93 -26.92
N SER A 369 -4.43 1.60 -27.95
CA SER A 369 -4.20 3.03 -27.88
CA SER A 369 -4.18 3.02 -27.77
C SER A 369 -5.45 3.82 -27.47
N LYS A 370 -6.61 3.33 -27.93
CA LYS A 370 -7.86 4.03 -27.64
C LYS A 370 -8.15 4.10 -26.15
N ALA A 371 -7.62 3.14 -25.40
CA ALA A 371 -7.85 3.13 -23.96
C ALA A 371 -7.09 4.30 -23.33
N PHE A 372 -5.84 4.49 -23.73
CA PHE A 372 -5.09 5.63 -23.24
C PHE A 372 -5.68 6.95 -23.75
N TYR A 373 -6.10 7.00 -25.00
CA TYR A 373 -6.70 8.22 -25.53
C TYR A 373 -7.92 8.61 -24.70
N GLY A 374 -8.81 7.66 -24.45
CA GLY A 374 -10.00 7.93 -23.68
C GLY A 374 -9.72 8.31 -22.24
N LEU A 375 -8.70 7.68 -21.66
CA LEU A 375 -8.28 8.02 -20.30
CA LEU A 375 -8.31 8.01 -20.30
C LEU A 375 -7.82 9.46 -20.25
N LEU A 376 -7.01 9.84 -21.22
CA LEU A 376 -6.48 11.19 -21.28
C LEU A 376 -7.61 12.19 -21.54
N GLU A 377 -8.58 11.83 -22.36
CA GLU A 377 -9.71 12.72 -22.64
C GLU A 377 -10.47 12.98 -21.34
N ARG A 378 -10.66 11.92 -20.56
CA ARG A 378 -11.38 12.05 -19.29
CA ARG A 378 -11.38 12.05 -19.29
C ARG A 378 -10.59 12.87 -18.28
N LEU A 379 -9.28 12.65 -18.21
CA LEU A 379 -8.42 13.47 -17.36
C LEU A 379 -8.49 14.93 -17.74
N SER A 380 -8.59 15.22 -19.04
CA SER A 380 -8.63 16.63 -19.49
C SER A 380 -9.87 17.35 -18.96
N LYS A 381 -10.90 16.59 -18.65
CA LYS A 381 -12.14 17.17 -18.14
C LYS A 381 -12.16 17.31 -16.63
N GLU A 382 -11.19 16.72 -15.95
CA GLU A 382 -11.16 16.76 -14.49
C GLU A 382 -9.73 16.90 -13.99
N PRO A 383 -9.25 18.14 -13.87
CA PRO A 383 -7.83 18.36 -13.54
C PRO A 383 -7.46 17.87 -12.14
N ASN A 384 -8.44 17.55 -11.30
CA ASN A 384 -8.14 16.99 -9.99
C ASN A 384 -7.90 15.49 -10.06
N GLY A 385 -8.11 14.89 -11.23
CA GLY A 385 -7.83 13.49 -11.42
C GLY A 385 -6.42 13.25 -11.90
N PHE A 386 -5.88 12.08 -11.59
CA PHE A 386 -4.61 11.66 -12.17
C PHE A 386 -4.51 10.14 -12.24
N ILE A 387 -3.59 9.66 -13.04
CA ILE A 387 -3.38 8.22 -13.12
C ILE A 387 -1.93 7.90 -12.75
N ALA A 388 -1.74 6.69 -12.24
CA ALA A 388 -0.41 6.20 -11.93
C ALA A 388 -0.27 4.85 -12.61
N LEU A 389 0.80 4.71 -13.39
CA LEU A 389 0.98 3.55 -14.25
C LEU A 389 2.29 2.86 -13.90
N ASN A 390 2.20 1.55 -13.65
CA ASN A 390 3.38 0.73 -13.33
C ASN A 390 3.36 -0.55 -14.15
N GLY A 391 4.52 -0.95 -14.65
CA GLY A 391 4.65 -2.24 -15.27
C GLY A 391 5.07 -3.29 -14.25
N PHE A 392 4.61 -4.52 -14.45
CA PHE A 392 5.11 -5.64 -13.67
C PHE A 392 6.20 -6.29 -14.53
N GLY A 393 6.19 -7.61 -14.65
CA GLY A 393 7.29 -8.27 -15.33
C GLY A 393 8.52 -8.38 -14.44
N GLY A 394 9.66 -8.69 -15.05
CA GLY A 394 10.86 -8.88 -14.26
C GLY A 394 10.62 -9.91 -13.17
N GLN A 395 11.06 -9.60 -11.96
CA GLN A 395 10.93 -10.56 -10.85
C GLN A 395 9.48 -10.85 -10.48
N MET A 396 8.57 -9.94 -10.83
CA MET A 396 7.17 -10.17 -10.47
C MET A 396 6.63 -11.36 -11.27
N SER A 397 7.23 -11.64 -12.43
CA SER A 397 6.81 -12.81 -13.21
C SER A 397 7.54 -14.10 -12.79
N LYS A 398 8.57 -13.97 -11.96
CA LYS A 398 9.32 -15.16 -11.56
C LYS A 398 8.89 -15.73 -10.22
N ILE A 399 8.05 -14.99 -9.51
CA ILE A 399 7.53 -15.44 -8.22
C ILE A 399 6.21 -16.14 -8.47
N SER A 400 6.05 -17.33 -7.90
CA SER A 400 4.84 -18.12 -8.10
C SER A 400 3.63 -17.39 -7.55
N SER A 401 2.47 -17.64 -8.15
CA SER A 401 1.24 -16.94 -7.71
C SER A 401 0.87 -17.26 -6.28
N ASP A 402 1.34 -18.39 -5.76
CA ASP A 402 1.04 -18.78 -4.39
C ASP A 402 2.21 -18.70 -3.41
N PHE A 403 3.32 -18.07 -3.83
CA PHE A 403 4.46 -17.89 -2.93
C PHE A 403 4.03 -17.12 -1.70
N THR A 404 3.31 -16.03 -1.94
CA THR A 404 2.63 -15.29 -0.87
C THR A 404 1.23 -15.01 -1.38
N PRO A 405 0.37 -14.45 -0.53
CA PRO A 405 -1.02 -14.29 -0.97
C PRO A 405 -1.26 -13.38 -2.18
N PHE A 406 -0.38 -12.41 -2.45
CA PHE A 406 -0.56 -11.59 -3.65
C PHE A 406 -0.37 -12.46 -4.90
N PRO A 407 -1.44 -12.60 -5.73
CA PRO A 407 -1.39 -13.62 -6.77
C PRO A 407 -1.02 -13.14 -8.16
N HIS A 408 -0.89 -11.83 -8.34
CA HIS A 408 -0.82 -11.25 -9.68
C HIS A 408 0.63 -11.21 -10.12
N ARG A 409 1.09 -12.34 -10.65
CA ARG A 409 2.50 -12.50 -10.97
C ARG A 409 2.64 -12.69 -12.48
N SER A 410 3.18 -13.82 -12.92
CA SER A 410 3.35 -14.01 -14.36
C SER A 410 2.03 -13.79 -15.09
N GLY A 411 2.11 -13.12 -16.23
CA GLY A 411 0.91 -12.85 -17.02
C GLY A 411 0.32 -11.48 -16.71
N THR A 412 0.65 -10.94 -15.55
CA THR A 412 0.16 -9.60 -15.21
C THR A 412 1.08 -8.57 -15.86
N ARG A 413 0.50 -7.64 -16.62
CA ARG A 413 1.29 -6.68 -17.39
CA ARG A 413 1.31 -6.69 -17.37
C ARG A 413 1.47 -5.35 -16.68
N LEU A 414 0.35 -4.70 -16.33
CA LEU A 414 0.37 -3.37 -15.73
C LEU A 414 -0.50 -3.29 -14.49
N MET A 415 -0.16 -2.35 -13.61
CA MET A 415 -1.07 -1.87 -12.59
C MET A 415 -1.40 -0.43 -12.97
N VAL A 416 -2.69 -0.11 -13.05
CA VAL A 416 -3.14 1.21 -13.47
C VAL A 416 -4.00 1.77 -12.35
N GLU A 417 -3.60 2.90 -11.77
CA GLU A 417 -4.35 3.52 -10.68
CA GLU A 417 -4.36 3.51 -10.68
C GLU A 417 -5.02 4.81 -11.15
N TYR A 418 -6.28 5.00 -10.76
CA TYR A 418 -7.05 6.21 -11.08
C TYR A 418 -7.34 6.90 -9.76
N ILE A 419 -6.93 8.16 -9.66
CA ILE A 419 -7.04 8.90 -8.42
C ILE A 419 -7.73 10.22 -8.65
N VAL A 420 -8.56 10.63 -7.71
CA VAL A 420 -9.07 12.00 -7.72
C VAL A 420 -8.86 12.54 -6.32
N ALA A 421 -8.35 13.76 -6.23
CA ALA A 421 -7.98 14.32 -4.93
C ALA A 421 -8.37 15.78 -4.90
N TRP A 422 -8.70 16.28 -3.71
CA TRP A 422 -9.19 17.64 -3.59
C TRP A 422 -8.86 18.22 -2.23
N ASN A 423 -8.69 19.54 -2.19
CA ASN A 423 -8.45 20.20 -0.91
C ASN A 423 -9.77 20.64 -0.25
N GLN A 424 -9.70 21.13 0.99
CA GLN A 424 -10.92 21.46 1.72
C GLN A 424 -11.77 22.50 1.01
N SER A 425 -11.12 23.40 0.28
CA SER A 425 -11.83 24.45 -0.43
C SER A 425 -12.67 23.92 -1.59
N GLU A 426 -12.46 22.65 -1.95
CA GLU A 426 -13.18 22.01 -3.05
C GLU A 426 -14.17 20.96 -2.58
N GLN A 427 -14.31 20.84 -1.25
CA GLN A 427 -15.14 19.82 -0.62
C GLN A 427 -16.55 19.70 -1.19
N LYS A 428 -17.14 20.81 -1.62
CA LYS A 428 -18.48 20.74 -2.18
C LYS A 428 -18.52 19.97 -3.50
N LYS A 429 -17.36 19.81 -4.13
CA LYS A 429 -17.30 19.08 -5.39
C LYS A 429 -17.07 17.59 -5.19
N LYS A 430 -17.12 17.13 -3.95
CA LYS A 430 -16.80 15.74 -3.65
C LYS A 430 -17.54 14.77 -4.55
N THR A 431 -18.87 14.90 -4.61
CA THR A 431 -19.66 13.96 -5.38
C THR A 431 -19.30 14.02 -6.86
N GLU A 432 -18.96 15.21 -7.36
CA GLU A 432 -18.54 15.37 -8.74
C GLU A 432 -17.24 14.59 -9.00
N PHE A 433 -16.31 14.65 -8.05
CA PHE A 433 -15.05 13.93 -8.20
C PHE A 433 -15.28 12.43 -8.18
N LEU A 434 -16.15 11.98 -7.28
CA LEU A 434 -16.45 10.56 -7.20
C LEU A 434 -17.16 10.06 -8.46
N ASP A 435 -18.06 10.88 -9.02
CA ASP A 435 -18.74 10.54 -10.26
C ASP A 435 -17.70 10.33 -11.36
N TRP A 436 -16.72 11.23 -11.42
CA TRP A 436 -15.72 11.17 -12.50
C TRP A 436 -14.96 9.87 -12.38
N LEU A 437 -14.60 9.52 -11.15
CA LEU A 437 -13.81 8.30 -10.92
C LEU A 437 -14.61 7.06 -11.26
N GLU A 438 -15.91 7.08 -10.94
CA GLU A 438 -16.77 5.96 -11.29
C GLU A 438 -16.83 5.76 -12.81
N LYS A 439 -16.96 6.87 -13.53
CA LYS A 439 -17.06 6.81 -14.97
C LYS A 439 -15.77 6.34 -15.60
N VAL A 440 -14.63 6.79 -15.07
CA VAL A 440 -13.34 6.33 -15.58
C VAL A 440 -13.21 4.81 -15.41
N TYR A 441 -13.57 4.30 -14.23
CA TYR A 441 -13.44 2.88 -13.99
C TYR A 441 -14.37 2.08 -14.92
N GLU A 442 -15.58 2.58 -15.15
CA GLU A 442 -16.48 1.92 -16.11
C GLU A 442 -15.92 1.94 -17.53
N PHE A 443 -15.32 3.07 -17.92
CA PHE A 443 -14.72 3.17 -19.25
C PHE A 443 -13.64 2.11 -19.46
N MET A 444 -12.86 1.83 -18.42
CA MET A 444 -11.73 0.93 -18.57
C MET A 444 -12.09 -0.55 -18.51
N LYS A 445 -13.32 -0.84 -18.10
CA LYS A 445 -13.79 -2.22 -17.91
C LYS A 445 -13.40 -3.20 -19.03
N PRO A 446 -13.64 -2.81 -20.30
CA PRO A 446 -13.35 -3.77 -21.39
C PRO A 446 -11.88 -4.10 -21.59
N PHE A 447 -10.97 -3.27 -21.10
CA PHE A 447 -9.58 -3.37 -21.49
C PHE A 447 -8.74 -4.07 -20.45
N VAL A 448 -9.26 -4.14 -19.24
CA VAL A 448 -8.45 -4.60 -18.11
C VAL A 448 -8.84 -6.02 -17.74
N SER A 449 -8.29 -6.53 -16.64
CA SER A 449 -8.59 -7.91 -16.29
C SER A 449 -10.09 -8.12 -16.10
N LYS A 450 -10.56 -9.32 -16.43
CA LYS A 450 -11.98 -9.67 -16.30
C LYS A 450 -12.16 -11.08 -15.76
N ASN A 451 -13.30 -11.32 -15.11
CA ASN A 451 -13.66 -12.65 -14.65
C ASN A 451 -12.61 -13.32 -13.75
N PRO A 452 -12.33 -12.72 -12.58
CA PRO A 452 -12.91 -11.47 -12.09
C PRO A 452 -12.06 -10.27 -12.45
N ARG A 453 -12.60 -9.07 -12.27
CA ARG A 453 -11.80 -7.86 -12.43
C ARG A 453 -10.88 -7.78 -11.22
N LEU A 454 -9.58 -7.77 -11.47
CA LEU A 454 -8.60 -7.95 -10.40
C LEU A 454 -8.38 -6.70 -9.60
N GLY A 455 -7.96 -6.90 -8.36
CA GLY A 455 -7.65 -5.82 -7.44
C GLY A 455 -6.44 -6.15 -6.58
N TYR A 456 -6.17 -5.29 -5.61
CA TYR A 456 -4.97 -5.40 -4.81
C TYR A 456 -5.37 -4.95 -3.42
N VAL A 457 -5.15 -5.80 -2.41
CA VAL A 457 -5.69 -5.52 -1.07
C VAL A 457 -5.10 -4.25 -0.43
N ASN A 458 -3.87 -3.87 -0.79
CA ASN A 458 -3.36 -2.60 -0.30
C ASN A 458 -4.06 -1.39 -0.94
N HIS A 459 -4.83 -1.66 -1.99
CA HIS A 459 -5.70 -0.66 -2.59
C HIS A 459 -7.16 -1.05 -2.30
N ILE A 460 -7.41 -1.33 -1.04
CA ILE A 460 -8.71 -1.77 -0.61
C ILE A 460 -9.79 -0.80 -1.12
N ASP A 461 -10.88 -1.37 -1.61
CA ASP A 461 -11.93 -0.58 -2.27
C ASP A 461 -13.28 -1.09 -1.80
N LEU A 462 -14.00 -0.30 -1.01
CA LEU A 462 -15.30 -0.71 -0.49
C LEU A 462 -16.43 -0.65 -1.51
N ASP A 463 -16.15 -0.13 -2.70
CA ASP A 463 -17.19 -0.10 -3.73
C ASP A 463 -17.59 -1.53 -4.06
N LEU A 464 -16.67 -2.47 -3.81
CA LEU A 464 -16.85 -3.88 -4.11
C LEU A 464 -17.82 -4.54 -3.15
N GLY A 465 -18.16 -3.86 -2.06
CA GLY A 465 -19.03 -4.40 -1.03
C GLY A 465 -18.34 -4.52 0.32
N GLY A 466 -19.05 -5.00 1.32
CA GLY A 466 -18.48 -5.23 2.62
C GLY A 466 -19.37 -6.10 3.49
N ILE A 467 -18.78 -6.71 4.51
CA ILE A 467 -19.52 -7.52 5.45
C ILE A 467 -19.98 -6.70 6.65
N ASP A 468 -21.27 -6.75 6.94
CA ASP A 468 -21.80 -6.28 8.22
C ASP A 468 -21.73 -7.41 9.24
N TRP A 469 -20.69 -7.39 10.07
CA TRP A 469 -20.45 -8.48 11.03
C TRP A 469 -21.52 -8.52 12.12
N GLY A 470 -22.37 -7.49 12.15
CA GLY A 470 -23.45 -7.44 13.12
C GLY A 470 -24.74 -8.06 12.62
N ASN A 471 -24.73 -8.52 11.37
CA ASN A 471 -25.90 -9.11 10.72
C ASN A 471 -25.73 -10.64 10.60
N LYS A 472 -26.44 -11.37 11.46
CA LYS A 472 -26.32 -12.82 11.51
C LYS A 472 -26.49 -13.50 10.15
N THR A 473 -27.44 -13.02 9.35
CA THR A 473 -27.70 -13.64 8.05
C THR A 473 -26.49 -13.45 7.13
N VAL A 474 -25.92 -12.26 7.14
CA VAL A 474 -24.75 -11.99 6.33
C VAL A 474 -23.58 -12.83 6.81
N VAL A 475 -23.37 -12.87 8.12
CA VAL A 475 -22.24 -13.61 8.67
C VAL A 475 -22.29 -15.11 8.28
N ASN A 476 -23.48 -15.70 8.30
CA ASN A 476 -23.63 -17.09 7.84
C ASN A 476 -23.09 -17.25 6.43
N ASN A 477 -23.28 -16.24 5.61
CA ASN A 477 -22.88 -16.32 4.23
C ASN A 477 -21.63 -15.55 3.92
N ALA A 478 -20.84 -15.26 4.95
CA ALA A 478 -19.74 -14.30 4.80
C ALA A 478 -18.71 -14.74 3.75
N ILE A 479 -18.39 -16.03 3.72
CA ILE A 479 -17.39 -16.51 2.78
C ILE A 479 -17.77 -16.28 1.33
N GLU A 480 -18.99 -16.62 0.96
CA GLU A 480 -19.33 -16.46 -0.43
CA GLU A 480 -19.46 -16.48 -0.42
C GLU A 480 -19.67 -15.01 -0.80
N ILE A 481 -20.26 -14.24 0.13
CA ILE A 481 -20.46 -12.82 -0.11
C ILE A 481 -19.08 -12.18 -0.36
N SER A 482 -18.12 -12.57 0.47
CA SER A 482 -16.75 -12.05 0.41
C SER A 482 -15.94 -12.49 -0.79
N ARG A 483 -16.38 -13.55 -1.48
CA ARG A 483 -15.61 -14.05 -2.62
C ARG A 483 -15.49 -12.97 -3.71
N SER A 484 -16.46 -12.06 -3.75
CA SER A 484 -16.45 -10.96 -4.73
CA SER A 484 -16.46 -10.96 -4.73
C SER A 484 -15.13 -10.19 -4.72
N TRP A 485 -14.81 -9.62 -3.58
CA TRP A 485 -13.56 -8.88 -3.43
C TRP A 485 -12.41 -9.83 -3.14
N GLY A 486 -12.66 -10.89 -2.38
CA GLY A 486 -11.63 -11.87 -2.06
C GLY A 486 -10.91 -12.45 -3.27
N GLU A 487 -11.67 -12.87 -4.28
CA GLU A 487 -11.04 -13.42 -5.48
C GLU A 487 -10.36 -12.34 -6.30
N SER A 488 -10.89 -11.13 -6.26
CA SER A 488 -10.28 -10.00 -6.94
CA SER A 488 -10.26 -10.03 -6.96
C SER A 488 -8.88 -9.74 -6.38
N TYR A 489 -8.78 -9.78 -5.05
CA TYR A 489 -7.50 -9.50 -4.40
C TYR A 489 -6.54 -10.66 -4.40
N PHE A 490 -7.07 -11.88 -4.31
CA PHE A 490 -6.25 -13.05 -3.99
C PHE A 490 -6.40 -14.23 -4.94
N LEU A 491 -7.37 -14.15 -5.84
CA LEU A 491 -7.62 -15.25 -6.78
C LEU A 491 -7.62 -16.61 -6.10
N SER A 492 -6.82 -17.55 -6.60
CA SER A 492 -6.85 -18.91 -6.06
C SER A 492 -6.28 -19.07 -4.66
N ASN A 493 -5.71 -17.97 -4.12
CA ASN A 493 -5.17 -18.00 -2.77
C ASN A 493 -6.23 -17.75 -1.69
N TYR A 494 -7.43 -17.41 -2.13
CA TYR A 494 -8.50 -17.08 -1.19
C TYR A 494 -8.78 -18.24 -0.24
N GLU A 495 -8.84 -19.46 -0.75
CA GLU A 495 -9.12 -20.61 0.09
C GLU A 495 -8.12 -20.83 1.20
N ARG A 496 -6.83 -20.76 0.87
CA ARG A 496 -5.81 -20.96 1.90
C ARG A 496 -5.88 -19.85 2.95
N LEU A 497 -6.25 -18.66 2.51
CA LEU A 497 -6.39 -17.56 3.47
C LEU A 497 -7.50 -17.86 4.47
N ILE A 498 -8.60 -18.43 3.98
CA ILE A 498 -9.71 -18.77 4.88
C ILE A 498 -9.27 -19.86 5.86
N ARG A 499 -8.52 -20.85 5.40
CA ARG A 499 -7.97 -21.87 6.29
C ARG A 499 -7.08 -21.23 7.36
N ALA A 500 -6.20 -20.32 6.93
CA ALA A 500 -5.29 -19.69 7.86
C ALA A 500 -6.05 -18.81 8.87
N LYS A 501 -7.08 -18.11 8.39
CA LYS A 501 -7.91 -17.30 9.28
C LYS A 501 -8.52 -18.15 10.41
N THR A 502 -9.01 -19.32 10.05
CA THR A 502 -9.59 -20.23 11.04
C THR A 502 -8.56 -20.69 12.07
N LEU A 503 -7.33 -20.90 11.61
CA LEU A 503 -6.25 -21.34 12.49
C LEU A 503 -5.89 -20.30 13.54
N ILE A 504 -5.80 -19.05 13.11
CA ILE A 504 -5.23 -18.02 13.97
C ILE A 504 -6.26 -17.12 14.65
N ASP A 505 -7.46 -17.01 14.06
CA ASP A 505 -8.50 -16.11 14.61
C ASP A 505 -9.89 -16.68 14.39
N PRO A 506 -10.13 -17.87 14.94
CA PRO A 506 -11.41 -18.55 14.69
C PRO A 506 -12.60 -17.73 15.20
N ASN A 507 -12.38 -16.91 16.23
CA ASN A 507 -13.47 -16.13 16.81
C ASN A 507 -13.64 -14.75 16.17
N ASN A 508 -12.87 -14.51 15.11
CA ASN A 508 -13.01 -13.28 14.32
C ASN A 508 -12.86 -11.99 15.12
N VAL A 509 -11.84 -11.95 15.97
CA VAL A 509 -11.56 -10.76 16.76
C VAL A 509 -11.05 -9.64 15.87
N PHE A 510 -10.31 -10.00 14.83
CA PHE A 510 -9.77 -9.01 13.91
C PHE A 510 -10.62 -8.99 12.65
N ASN A 511 -11.47 -7.98 12.54
CA ASN A 511 -12.44 -7.96 11.46
C ASN A 511 -12.70 -6.55 10.98
N HIS A 512 -13.12 -6.45 9.73
CA HIS A 512 -13.45 -5.17 9.12
C HIS A 512 -14.29 -5.50 7.88
N PRO A 513 -14.77 -4.48 7.14
CA PRO A 513 -15.77 -4.81 6.13
C PRO A 513 -15.27 -5.79 5.08
N GLN A 514 -13.96 -5.84 4.86
CA GLN A 514 -13.42 -6.79 3.89
C GLN A 514 -12.36 -7.74 4.44
N SER A 515 -12.47 -8.08 5.72
CA SER A 515 -11.53 -9.03 6.29
C SER A 515 -11.88 -10.47 5.87
N ILE A 516 -10.87 -11.32 5.77
CA ILE A 516 -11.11 -12.72 5.44
C ILE A 516 -11.98 -13.37 6.52
N PRO A 517 -13.11 -13.98 6.11
CA PRO A 517 -13.91 -14.68 7.15
C PRO A 517 -13.28 -15.99 7.58
N PRO A 518 -13.53 -16.38 8.84
CA PRO A 518 -13.13 -17.72 9.28
C PRO A 518 -14.06 -18.76 8.67
N MET A 519 -13.65 -20.02 8.68
CA MET A 519 -14.49 -21.04 8.07
CA MET A 519 -14.46 -21.09 8.09
C MET A 519 -15.81 -21.15 8.77
N ALA A 520 -16.83 -21.50 8.00
CA ALA A 520 -18.14 -21.72 8.55
C ALA A 520 -17.97 -22.85 9.51
N ASN A 521 -18.58 -22.70 10.67
CA ASN A 521 -18.53 -23.68 11.72
C ASN A 521 -19.96 -24.04 12.06
N PHE A 522 -20.23 -25.31 12.31
CA PHE A 522 -21.59 -25.74 12.62
C PHE A 522 -21.60 -26.62 13.86
N ASP A 523 -20.67 -26.34 14.78
CA ASP A 523 -20.56 -27.08 16.03
C ASP A 523 -21.63 -26.64 17.02
#